data_7XBL
#
_entry.id   7XBL
#
_cell.length_a   52.851
_cell.length_b   65.009
_cell.length_c   73.028
_cell.angle_alpha   90.000
_cell.angle_beta   90.000
_cell.angle_gamma   90.000
#
_symmetry.space_group_name_H-M   'P 21 21 21'
#
loop_
_entity.id
_entity.type
_entity.pdbx_description
1 polymer Galectin-7
2 non-polymer GLYCEROL
3 water water
#
_entity_poly.entity_id   1
_entity_poly.type   'polypeptide(L)'
_entity_poly.pdbx_seq_one_letter_code
;MSNVPHKSSLPEGIRPGTVLRIRGLVPPNASRFHVNLLCGEEQGSDAALHFNPRLDTSEVVFNSKEQGSWGREERGPGVP
FQRGQPFEVLIIASDDGFKAVVGDAQYHHFRHRLPLARVRLVEVGGDVQLDSVRIF
;
_entity_poly.pdbx_strand_id   A,B
#
# COMPACT_ATOMS: atom_id res chain seq x y z
N VAL A 4 -25.17 6.04 8.18
CA VAL A 4 -24.25 5.96 9.32
C VAL A 4 -22.82 5.79 8.81
N PRO A 5 -21.89 6.56 9.37
CA PRO A 5 -20.50 6.52 8.91
C PRO A 5 -19.78 5.28 9.41
N HIS A 6 -18.77 4.85 8.66
CA HIS A 6 -17.93 3.74 9.06
C HIS A 6 -16.68 4.24 9.75
N LYS A 7 -16.33 3.62 10.88
CA LYS A 7 -15.19 4.03 11.70
C LYS A 7 -14.20 2.88 11.88
N SER A 8 -12.93 3.16 11.66
CA SER A 8 -11.82 2.23 11.91
C SER A 8 -10.90 2.85 12.95
N SER A 9 -10.88 2.28 14.15
CA SER A 9 -10.09 2.84 15.24
C SER A 9 -8.62 2.49 15.06
N LEU A 10 -7.75 3.48 15.28
CA LEU A 10 -6.30 3.26 15.22
C LEU A 10 -5.66 3.81 16.49
N PRO A 11 -5.89 3.16 17.62
CA PRO A 11 -5.41 3.71 18.90
C PRO A 11 -3.90 3.75 19.01
N GLU A 12 -3.18 2.93 18.25
CA GLU A 12 -1.72 3.02 18.19
C GLU A 12 -1.25 4.13 17.26
N GLY A 13 -2.14 4.72 16.47
CA GLY A 13 -1.73 5.70 15.48
C GLY A 13 -1.23 5.02 14.22
N ILE A 14 -0.77 5.85 13.28
CA ILE A 14 -0.23 5.38 12.02
C ILE A 14 1.13 6.00 11.80
N ARG A 15 1.91 5.37 10.93
CA ARG A 15 3.28 5.72 10.69
C ARG A 15 3.54 5.76 9.19
N PRO A 16 4.64 6.37 8.75
CA PRO A 16 5.00 6.30 7.34
C PRO A 16 5.07 4.84 6.92
N GLY A 17 4.41 4.53 5.81
CA GLY A 17 4.17 3.15 5.44
C GLY A 17 2.77 2.65 5.74
N THR A 18 1.90 3.44 6.35
CA THR A 18 0.52 3.03 6.53
C THR A 18 -0.25 3.21 5.24
N VAL A 19 -0.97 2.16 4.82
CA VAL A 19 -1.78 2.18 3.60
C VAL A 19 -3.24 2.02 3.98
N LEU A 20 -4.07 2.97 3.52
CA LEU A 20 -5.52 2.97 3.66
C LEU A 20 -6.14 2.67 2.31
N ARG A 21 -6.86 1.56 2.19
CA ARG A 21 -7.52 1.21 0.94
C ARG A 21 -9.01 1.28 1.17
N ILE A 22 -9.69 2.12 0.37
CA ILE A 22 -11.13 2.35 0.51
C ILE A 22 -11.76 1.96 -0.81
N ARG A 23 -12.68 0.99 -0.76
CA ARG A 23 -13.42 0.56 -1.94
C ARG A 23 -14.90 0.78 -1.67
N GLY A 24 -15.60 1.25 -2.68
CA GLY A 24 -17.05 1.34 -2.55
C GLY A 24 -17.67 1.73 -3.87
N LEU A 25 -18.96 1.99 -3.82
CA LEU A 25 -19.75 2.41 -4.95
C LEU A 25 -20.24 3.83 -4.70
N VAL A 26 -20.13 4.69 -5.70
CA VAL A 26 -20.81 5.98 -5.67
C VAL A 26 -22.22 5.76 -6.19
N PRO A 27 -23.25 5.92 -5.35
CA PRO A 27 -24.62 5.57 -5.75
C PRO A 27 -25.19 6.58 -6.75
N PRO A 28 -26.29 6.24 -7.41
CA PRO A 28 -26.76 7.01 -8.59
C PRO A 28 -27.00 8.49 -8.39
N ASN A 29 -27.36 8.95 -7.21
CA ASN A 29 -27.66 10.39 -7.11
C ASN A 29 -26.76 11.06 -6.09
N ALA A 30 -25.55 10.54 -5.91
CA ALA A 30 -24.71 10.94 -4.80
C ALA A 30 -24.28 12.40 -4.94
N SER A 31 -24.31 13.13 -3.83
CA SER A 31 -23.76 14.48 -3.84
C SER A 31 -22.25 14.47 -3.59
N ARG A 32 -21.80 13.80 -2.53
CA ARG A 32 -20.41 13.82 -2.10
C ARG A 32 -20.21 12.80 -1.01
N PHE A 33 -18.95 12.41 -0.81
CA PHE A 33 -18.61 11.58 0.34
C PHE A 33 -17.23 11.98 0.84
N HIS A 34 -16.83 11.42 1.98
CA HIS A 34 -15.56 11.85 2.56
C HIS A 34 -14.86 10.67 3.21
N VAL A 35 -13.54 10.72 3.18
CA VAL A 35 -12.67 9.91 4.02
C VAL A 35 -11.89 10.85 4.93
N ASN A 36 -12.04 10.69 6.25
CA ASN A 36 -11.39 11.55 7.24
C ASN A 36 -10.39 10.78 8.08
N LEU A 37 -9.22 11.36 8.29
CA LEU A 37 -8.22 10.85 9.21
C LEU A 37 -8.25 11.78 10.43
N LEU A 38 -8.81 11.30 11.53
CA LEU A 38 -9.12 12.15 12.67
C LEU A 38 -8.21 11.84 13.84
N CYS A 39 -8.02 12.84 14.70
CA CYS A 39 -7.07 12.74 15.80
C CYS A 39 -7.72 12.32 17.10
N GLY A 40 -9.03 12.08 17.11
CA GLY A 40 -9.74 11.65 18.30
C GLY A 40 -11.13 11.20 17.93
N GLU A 41 -11.85 10.65 18.92
CA GLU A 41 -13.19 10.12 18.68
C GLU A 41 -14.30 11.12 18.98
N GLU A 42 -13.97 12.29 19.52
CA GLU A 42 -14.97 13.30 19.83
C GLU A 42 -15.51 13.94 18.55
N GLN A 43 -16.77 14.38 18.59
CA GLN A 43 -17.27 15.07 17.41
C GLN A 43 -16.58 16.44 17.33
N GLY A 44 -16.28 16.85 16.12
CA GLY A 44 -15.46 18.02 15.94
C GLY A 44 -13.99 17.84 16.18
N SER A 45 -13.50 16.60 16.20
CA SER A 45 -12.06 16.36 16.37
C SER A 45 -11.27 16.97 15.22
N ASP A 46 -9.97 17.16 15.48
CA ASP A 46 -9.05 17.61 14.44
C ASP A 46 -9.02 16.59 13.32
N ALA A 47 -8.79 17.07 12.10
CA ALA A 47 -8.68 16.22 10.91
C ALA A 47 -7.31 16.44 10.30
N ALA A 48 -6.46 15.40 10.37
CA ALA A 48 -5.19 15.44 9.65
C ALA A 48 -5.42 15.42 8.16
N LEU A 49 -6.45 14.72 7.69
CA LEU A 49 -6.84 14.74 6.29
C LEU A 49 -8.34 14.62 6.16
N HIS A 50 -8.91 15.47 5.33
CA HIS A 50 -10.32 15.40 4.92
C HIS A 50 -10.30 15.26 3.40
N PHE A 51 -10.68 14.09 2.91
CA PHE A 51 -10.66 13.76 1.49
C PHE A 51 -12.11 13.69 1.02
N ASN A 52 -12.50 14.58 0.11
CA ASN A 52 -13.91 14.91 -0.10
C ASN A 52 -14.24 14.98 -1.59
N PRO A 53 -14.48 13.84 -2.24
CA PRO A 53 -15.01 13.86 -3.61
C PRO A 53 -16.44 14.39 -3.67
N ARG A 54 -16.63 15.44 -4.48
CA ARG A 54 -17.92 16.11 -4.62
C ARG A 54 -18.44 15.83 -6.03
N LEU A 55 -19.35 14.87 -6.14
CA LEU A 55 -19.94 14.52 -7.44
C LEU A 55 -20.82 15.64 -7.98
N ASP A 56 -21.53 16.37 -7.11
CA ASP A 56 -22.42 17.40 -7.60
C ASP A 56 -21.66 18.63 -8.11
N THR A 57 -20.43 18.88 -7.68
CA THR A 57 -19.69 20.03 -8.18
C THR A 57 -18.47 19.64 -9.02
N SER A 58 -18.23 18.34 -9.22
CA SER A 58 -17.11 17.85 -10.02
C SER A 58 -15.77 18.33 -9.47
N GLU A 59 -15.58 18.20 -8.16
CA GLU A 59 -14.33 18.59 -7.52
C GLU A 59 -13.96 17.53 -6.48
N VAL A 60 -12.67 17.37 -6.22
CA VAL A 60 -12.19 16.60 -5.07
C VAL A 60 -11.40 17.54 -4.18
N VAL A 61 -11.90 17.76 -2.98
CA VAL A 61 -11.34 18.71 -2.04
C VAL A 61 -10.53 17.95 -0.99
N PHE A 62 -9.36 18.50 -0.65
CA PHE A 62 -8.49 18.01 0.41
C PHE A 62 -8.38 19.14 1.42
N ASN A 63 -8.57 18.84 2.71
CA ASN A 63 -8.37 19.88 3.71
C ASN A 63 -8.02 19.24 5.04
N SER A 64 -7.68 20.11 5.99
CA SER A 64 -7.38 19.72 7.35
C SER A 64 -8.23 20.58 8.28
N LYS A 65 -8.31 20.17 9.54
CA LYS A 65 -9.06 20.89 10.56
C LYS A 65 -8.28 20.81 11.85
N GLU A 66 -8.16 21.95 12.51
CA GLU A 66 -7.16 22.20 13.55
C GLU A 66 -7.80 23.11 14.59
N GLN A 67 -8.10 22.56 15.76
CA GLN A 67 -8.78 23.30 16.84
C GLN A 67 -10.09 23.93 16.36
N GLY A 68 -10.88 23.14 15.64
CA GLY A 68 -12.21 23.53 15.23
C GLY A 68 -12.28 24.32 13.94
N SER A 69 -11.14 24.70 13.37
CA SER A 69 -11.13 25.57 12.19
C SER A 69 -10.52 24.84 11.00
N TRP A 70 -11.20 24.92 9.87
CA TRP A 70 -10.72 24.32 8.63
C TRP A 70 -9.57 25.16 8.04
N GLY A 71 -8.61 24.46 7.41
CA GLY A 71 -7.54 25.12 6.70
C GLY A 71 -7.96 25.56 5.30
N ARG A 72 -6.96 25.80 4.47
CA ARG A 72 -7.21 26.15 3.07
C ARG A 72 -7.40 24.87 2.25
N GLU A 73 -8.50 24.78 1.53
CA GLU A 73 -8.73 23.62 0.68
C GLU A 73 -7.67 23.51 -0.41
N GLU A 74 -7.31 22.27 -0.74
CA GLU A 74 -6.61 21.94 -1.98
C GLU A 74 -7.56 21.14 -2.86
N ARG A 75 -7.34 21.22 -4.17
CA ARG A 75 -8.16 20.50 -5.14
C ARG A 75 -7.26 19.65 -6.03
N GLY A 76 -7.66 18.40 -6.25
CA GLY A 76 -7.02 17.57 -7.22
C GLY A 76 -7.46 17.90 -8.63
N PRO A 77 -6.82 17.27 -9.61
CA PRO A 77 -7.16 17.52 -11.01
C PRO A 77 -8.42 16.79 -11.46
N GLY A 78 -9.52 17.51 -11.56
CA GLY A 78 -10.77 16.91 -12.00
C GLY A 78 -11.33 15.95 -10.97
N VAL A 79 -12.29 15.14 -11.41
CA VAL A 79 -12.99 14.26 -10.48
C VAL A 79 -12.93 12.82 -11.01
N PRO A 80 -12.07 11.96 -10.45
CA PRO A 80 -11.99 10.57 -10.95
C PRO A 80 -12.99 9.66 -10.25
N PHE A 81 -14.22 10.13 -10.09
CA PHE A 81 -15.31 9.38 -9.47
C PHE A 81 -16.56 9.67 -10.30
N GLN A 82 -17.48 8.71 -10.37
CA GLN A 82 -18.70 8.91 -11.13
C GLN A 82 -19.86 8.25 -10.40
N ARG A 83 -21.02 8.91 -10.44
CA ARG A 83 -22.24 8.30 -9.95
C ARG A 83 -22.47 6.99 -10.70
N GLY A 84 -22.83 5.94 -9.96
CA GLY A 84 -23.06 4.65 -10.57
C GLY A 84 -21.83 3.80 -10.79
N GLN A 85 -20.65 4.25 -10.33
CA GLN A 85 -19.43 3.50 -10.61
C GLN A 85 -18.67 3.19 -9.32
N PRO A 86 -18.11 1.99 -9.21
CA PRO A 86 -17.26 1.67 -8.06
C PRO A 86 -15.88 2.29 -8.19
N PHE A 87 -15.19 2.38 -7.05
CA PHE A 87 -13.88 3.01 -7.01
C PHE A 87 -12.98 2.28 -6.02
N GLU A 88 -11.67 2.53 -6.17
CA GLU A 88 -10.65 2.10 -5.23
C GLU A 88 -9.69 3.27 -5.00
N VAL A 89 -9.59 3.70 -3.76
CA VAL A 89 -8.73 4.81 -3.35
C VAL A 89 -7.68 4.25 -2.41
N LEU A 90 -6.42 4.58 -2.66
CA LEU A 90 -5.35 4.38 -1.70
C LEU A 90 -4.97 5.72 -1.08
N ILE A 91 -4.91 5.77 0.24
CA ILE A 91 -4.36 6.91 0.96
C ILE A 91 -3.12 6.39 1.67
N ILE A 92 -1.95 6.81 1.20
CA ILE A 92 -0.66 6.29 1.64
C ILE A 92 0.06 7.36 2.44
N ALA A 93 0.36 7.05 3.70
CA ALA A 93 1.12 7.96 4.56
C ALA A 93 2.62 7.81 4.32
N SER A 94 3.30 8.93 4.08
CA SER A 94 4.76 8.93 4.09
C SER A 94 5.26 9.97 5.07
N ASP A 95 6.57 10.18 5.12
CA ASP A 95 7.15 11.15 6.05
C ASP A 95 6.68 12.57 5.76
N ASP A 96 6.42 12.90 4.50
CA ASP A 96 6.11 14.28 4.14
C ASP A 96 4.65 14.55 3.81
N GLY A 97 3.82 13.53 3.61
CA GLY A 97 2.42 13.79 3.31
C GLY A 97 1.65 12.51 3.03
N PHE A 98 0.45 12.70 2.49
CA PHE A 98 -0.40 11.59 2.04
C PHE A 98 -0.45 11.59 0.52
N LYS A 99 -0.21 10.43 -0.07
CA LYS A 99 -0.45 10.23 -1.49
C LYS A 99 -1.83 9.62 -1.68
N ALA A 100 -2.63 10.28 -2.51
CA ALA A 100 -3.95 9.79 -2.88
C ALA A 100 -3.87 9.16 -4.27
N VAL A 101 -4.19 7.87 -4.34
CA VAL A 101 -4.22 7.10 -5.58
C VAL A 101 -5.67 6.76 -5.87
N VAL A 102 -6.11 7.01 -7.10
CA VAL A 102 -7.48 6.66 -7.49
C VAL A 102 -7.42 5.91 -8.81
N GLY A 103 -8.13 4.79 -8.88
CA GLY A 103 -8.13 3.98 -10.10
C GLY A 103 -6.74 3.61 -10.57
N ASP A 104 -5.84 3.27 -9.62
CA ASP A 104 -4.45 2.88 -9.87
C ASP A 104 -3.59 4.02 -10.40
N ALA A 105 -4.07 5.26 -10.38
CA ALA A 105 -3.27 6.39 -10.84
C ALA A 105 -3.01 7.34 -9.67
N GLN A 106 -1.75 7.72 -9.49
CA GLN A 106 -1.43 8.76 -8.51
C GLN A 106 -2.23 10.02 -8.83
N TYR A 107 -2.93 10.55 -7.83
CA TYR A 107 -3.92 11.61 -8.07
C TYR A 107 -3.54 12.92 -7.41
N HIS A 108 -3.17 12.91 -6.14
CA HIS A 108 -2.83 14.14 -5.44
C HIS A 108 -1.90 13.80 -4.29
N HIS A 109 -1.01 14.73 -3.95
CA HIS A 109 -0.16 14.61 -2.77
C HIS A 109 -0.52 15.75 -1.83
N PHE A 110 -0.87 15.40 -0.59
CA PHE A 110 -1.29 16.35 0.42
C PHE A 110 -0.20 16.42 1.49
N ARG A 111 0.58 17.51 1.48
CA ARG A 111 1.59 17.72 2.52
C ARG A 111 0.96 17.70 3.92
N HIS A 112 1.64 17.03 4.86
CA HIS A 112 1.20 17.02 6.25
C HIS A 112 0.99 18.44 6.77
N ARG A 113 -0.13 18.64 7.44
CA ARG A 113 -0.37 19.87 8.16
C ARG A 113 -0.39 19.69 9.67
N LEU A 114 -0.79 18.53 10.12
CA LEU A 114 -0.75 18.02 11.47
C LEU A 114 0.24 16.87 11.50
N PRO A 115 0.92 16.65 12.63
CA PRO A 115 1.78 15.45 12.75
C PRO A 115 0.99 14.17 12.49
N LEU A 116 1.56 13.31 11.63
CA LEU A 116 1.02 11.98 11.38
C LEU A 116 0.72 11.25 12.68
N ALA A 117 1.54 11.47 13.71
CA ALA A 117 1.43 10.75 14.96
C ALA A 117 0.12 11.01 15.70
N ARG A 118 -0.57 12.10 15.40
CA ARG A 118 -1.82 12.39 16.10
C ARG A 118 -3.03 11.63 15.57
N VAL A 119 -2.92 10.93 14.43
CA VAL A 119 -4.08 10.26 13.85
C VAL A 119 -4.53 9.12 14.76
N ARG A 120 -5.83 9.04 15.02
CA ARG A 120 -6.38 7.95 15.84
C ARG A 120 -7.57 7.24 15.23
N LEU A 121 -8.07 7.67 14.07
CA LEU A 121 -9.38 7.19 13.63
C LEU A 121 -9.52 7.49 12.15
N VAL A 122 -10.03 6.52 11.38
CA VAL A 122 -10.45 6.74 9.99
C VAL A 122 -11.96 6.64 9.95
N GLU A 123 -12.60 7.62 9.32
CA GLU A 123 -14.06 7.65 9.23
C GLU A 123 -14.46 7.90 7.79
N VAL A 124 -15.38 7.09 7.27
CA VAL A 124 -15.87 7.21 5.91
C VAL A 124 -17.37 7.46 5.99
N GLY A 125 -17.84 8.51 5.32
CA GLY A 125 -19.22 8.93 5.44
C GLY A 125 -19.72 9.63 4.20
N GLY A 126 -20.99 10.00 4.22
CA GLY A 126 -21.56 10.70 3.07
C GLY A 126 -22.23 9.74 2.12
N ASP A 127 -22.40 10.17 0.87
CA ASP A 127 -23.12 9.38 -0.14
C ASP A 127 -22.15 8.42 -0.82
N VAL A 128 -21.87 7.33 -0.12
CA VAL A 128 -21.03 6.26 -0.65
C VAL A 128 -21.58 4.96 -0.08
N GLN A 129 -21.64 3.92 -0.89
CA GLN A 129 -21.97 2.60 -0.37
C GLN A 129 -20.66 1.84 -0.23
N LEU A 130 -20.21 1.73 1.02
CA LEU A 130 -18.88 1.22 1.33
C LEU A 130 -18.77 -0.27 1.03
N ASP A 131 -17.71 -0.65 0.32
CA ASP A 131 -17.33 -2.04 0.16
C ASP A 131 -16.42 -2.43 1.30
N SER A 132 -15.25 -1.80 1.40
CA SER A 132 -14.36 -2.14 2.49
C SER A 132 -13.40 -1.00 2.74
N VAL A 133 -12.99 -0.88 3.99
CA VAL A 133 -11.87 -0.06 4.41
C VAL A 133 -10.84 -1.03 4.99
N ARG A 134 -9.63 -0.99 4.45
CA ARG A 134 -8.54 -1.79 4.98
C ARG A 134 -7.36 -0.89 5.31
N ILE A 135 -6.71 -1.15 6.43
CA ILE A 135 -5.50 -0.44 6.80
C ILE A 135 -4.36 -1.46 6.85
N PHE A 136 -3.36 -1.28 6.00
CA PHE A 136 -2.20 -2.15 5.98
C PHE A 136 -0.97 -1.44 6.55
N MET B 1 15.05 -20.83 -22.73
CA MET B 1 14.78 -19.40 -22.90
C MET B 1 13.78 -18.82 -21.90
N SER B 2 12.91 -19.66 -21.35
CA SER B 2 11.87 -19.12 -20.50
C SER B 2 12.43 -18.86 -19.10
N ASN B 3 11.57 -18.35 -18.23
CA ASN B 3 11.88 -18.14 -16.81
C ASN B 3 12.96 -17.08 -16.59
N VAL B 4 13.10 -16.14 -17.51
CA VAL B 4 13.99 -15.01 -17.24
C VAL B 4 13.33 -14.13 -16.17
N PRO B 5 14.01 -13.81 -15.07
CA PRO B 5 13.40 -12.96 -14.04
C PRO B 5 13.01 -11.60 -14.60
N HIS B 6 11.88 -11.10 -14.14
CA HIS B 6 11.38 -9.80 -14.54
C HIS B 6 12.00 -8.73 -13.64
N LYS B 7 12.44 -7.62 -14.25
CA LYS B 7 13.02 -6.51 -13.49
C LYS B 7 12.21 -5.23 -13.67
N SER B 8 12.04 -4.51 -12.55
CA SER B 8 11.52 -3.14 -12.53
C SER B 8 12.52 -2.26 -11.80
N SER B 9 13.00 -1.21 -12.47
CA SER B 9 13.95 -0.29 -11.85
C SER B 9 13.23 0.66 -10.91
N LEU B 10 13.97 1.16 -9.93
CA LEU B 10 13.48 2.13 -8.95
C LEU B 10 14.42 3.33 -9.05
N PRO B 11 14.18 4.21 -10.03
CA PRO B 11 15.18 5.23 -10.38
C PRO B 11 15.52 6.18 -9.24
N GLU B 12 14.56 6.51 -8.37
CA GLU B 12 14.83 7.32 -7.19
C GLU B 12 14.78 6.48 -5.91
N GLY B 13 14.89 5.17 -6.03
CA GLY B 13 14.85 4.35 -4.85
C GLY B 13 13.46 4.29 -4.23
N ILE B 14 13.42 3.79 -3.00
CA ILE B 14 12.17 3.67 -2.26
C ILE B 14 12.37 4.24 -0.87
N ARG B 15 11.26 4.58 -0.24
CA ARG B 15 11.20 5.31 1.02
C ARG B 15 10.08 4.71 1.85
N PRO B 16 10.01 5.01 3.14
CA PRO B 16 8.80 4.67 3.89
C PRO B 16 7.58 5.30 3.23
N GLY B 17 6.58 4.48 2.99
CA GLY B 17 5.45 4.89 2.19
C GLY B 17 5.44 4.35 0.78
N THR B 18 6.53 3.74 0.33
CA THR B 18 6.54 3.07 -0.96
C THR B 18 5.71 1.80 -0.90
N VAL B 19 4.84 1.59 -1.89
CA VAL B 19 3.97 0.41 -1.96
C VAL B 19 4.27 -0.33 -3.25
N LEU B 20 4.70 -1.57 -3.12
CA LEU B 20 4.94 -2.44 -4.26
C LEU B 20 3.74 -3.37 -4.37
N ARG B 21 3.06 -3.38 -5.52
CA ARG B 21 1.99 -4.34 -5.77
C ARG B 21 2.40 -5.34 -6.83
N ILE B 22 2.44 -6.61 -6.47
CA ILE B 22 2.87 -7.69 -7.35
C ILE B 22 1.68 -8.60 -7.59
N ARG B 23 1.25 -8.70 -8.85
CA ARG B 23 0.14 -9.58 -9.21
C ARG B 23 0.64 -10.64 -10.19
N GLY B 24 0.22 -11.88 -9.96
CA GLY B 24 0.68 -12.95 -10.80
C GLY B 24 -0.15 -14.20 -10.62
N LEU B 25 0.31 -15.27 -11.24
CA LEU B 25 -0.35 -16.56 -11.13
C LEU B 25 0.72 -17.63 -10.93
N VAL B 26 0.45 -18.54 -10.00
CA VAL B 26 1.36 -19.64 -9.70
C VAL B 26 1.04 -20.79 -10.66
N PRO B 27 1.99 -21.24 -11.47
CA PRO B 27 1.69 -22.29 -12.44
C PRO B 27 1.30 -23.60 -11.76
N PRO B 28 0.55 -24.46 -12.46
CA PRO B 28 0.04 -25.69 -11.83
C PRO B 28 1.11 -26.60 -11.22
N ASN B 29 2.34 -26.56 -11.71
CA ASN B 29 3.40 -27.40 -11.15
C ASN B 29 4.58 -26.56 -10.68
N ALA B 30 4.30 -25.41 -10.09
CA ALA B 30 5.35 -24.53 -9.59
C ALA B 30 6.14 -25.20 -8.48
N SER B 31 7.48 -25.01 -8.50
CA SER B 31 8.28 -25.46 -7.36
C SER B 31 8.37 -24.37 -6.30
N ARG B 32 8.77 -23.16 -6.71
CA ARG B 32 8.96 -22.03 -5.83
C ARG B 32 9.15 -20.79 -6.70
N PHE B 33 8.97 -19.62 -6.10
CA PHE B 33 9.27 -18.38 -6.82
C PHE B 33 9.66 -17.32 -5.82
N HIS B 34 10.13 -16.18 -6.31
CA HIS B 34 10.60 -15.16 -5.38
C HIS B 34 10.40 -13.76 -5.93
N VAL B 35 10.33 -12.81 -4.99
CA VAL B 35 10.41 -11.38 -5.26
C VAL B 35 11.61 -10.86 -4.50
N ASN B 36 12.53 -10.21 -5.22
CA ASN B 36 13.77 -9.71 -4.63
C ASN B 36 13.79 -8.19 -4.69
N LEU B 37 14.13 -7.55 -3.57
CA LEU B 37 14.41 -6.11 -3.56
C LEU B 37 15.92 -5.99 -3.51
N LEU B 38 16.54 -5.67 -4.65
CA LEU B 38 17.98 -5.73 -4.80
C LEU B 38 18.61 -4.34 -4.78
N CYS B 39 19.88 -4.28 -4.37
CA CYS B 39 20.58 -3.01 -4.22
C CYS B 39 21.44 -2.65 -5.42
N GLY B 40 21.35 -3.40 -6.51
CA GLY B 40 22.19 -3.13 -7.66
C GLY B 40 21.79 -4.03 -8.79
N GLU B 41 22.31 -3.71 -9.97
CA GLU B 41 21.93 -4.42 -11.18
C GLU B 41 22.86 -5.58 -11.52
N GLU B 42 23.96 -5.75 -10.79
CA GLU B 42 24.86 -6.85 -11.10
C GLU B 42 24.39 -8.13 -10.45
N GLN B 43 24.80 -9.25 -11.04
CA GLN B 43 24.54 -10.52 -10.41
C GLN B 43 25.27 -10.58 -9.08
N GLY B 44 24.62 -11.13 -8.08
CA GLY B 44 25.20 -11.14 -6.76
C GLY B 44 25.04 -9.86 -5.96
N SER B 45 24.35 -8.84 -6.48
CA SER B 45 24.08 -7.64 -5.68
C SER B 45 23.32 -8.02 -4.42
N ASP B 46 23.52 -7.20 -3.38
CA ASP B 46 22.84 -7.43 -2.10
C ASP B 46 21.33 -7.37 -2.28
N ALA B 47 20.63 -8.16 -1.47
CA ALA B 47 19.17 -8.20 -1.48
C ALA B 47 18.69 -7.67 -0.12
N ALA B 48 18.04 -6.51 -0.12
CA ALA B 48 17.41 -6.05 1.12
C ALA B 48 16.27 -6.97 1.53
N LEU B 49 15.61 -7.58 0.56
CA LEU B 49 14.51 -8.49 0.86
C LEU B 49 14.47 -9.56 -0.20
N HIS B 50 14.32 -10.80 0.26
CA HIS B 50 14.11 -11.97 -0.57
C HIS B 50 12.85 -12.62 -0.01
N PHE B 51 11.80 -12.63 -0.82
CA PHE B 51 10.47 -13.13 -0.47
C PHE B 51 10.24 -14.38 -1.31
N ASN B 52 10.27 -15.55 -0.68
CA ASN B 52 10.48 -16.82 -1.37
C ASN B 52 9.40 -17.84 -1.00
N PRO B 53 8.22 -17.75 -1.61
CA PRO B 53 7.21 -18.81 -1.42
C PRO B 53 7.67 -20.11 -2.06
N ARG B 54 7.65 -21.19 -1.27
CA ARG B 54 8.12 -22.49 -1.70
C ARG B 54 6.95 -23.46 -1.61
N LEU B 55 6.33 -23.74 -2.76
CA LEU B 55 5.18 -24.64 -2.75
C LEU B 55 5.57 -26.11 -2.54
N ASP B 56 6.77 -26.51 -2.95
CA ASP B 56 7.06 -27.94 -2.78
C ASP B 56 7.45 -28.28 -1.35
N THR B 57 7.69 -27.29 -0.49
CA THR B 57 7.85 -27.54 0.94
C THR B 57 6.77 -26.86 1.76
N SER B 58 5.87 -26.13 1.10
CA SER B 58 4.73 -25.49 1.76
C SER B 58 5.20 -24.52 2.84
N GLU B 59 5.96 -23.52 2.41
CA GLU B 59 6.45 -22.48 3.32
C GLU B 59 6.82 -21.25 2.53
N VAL B 60 7.00 -20.14 3.26
CA VAL B 60 7.44 -18.87 2.68
C VAL B 60 8.65 -18.40 3.46
N VAL B 61 9.79 -18.33 2.80
CA VAL B 61 11.05 -17.97 3.42
C VAL B 61 11.35 -16.50 3.14
N PHE B 62 11.71 -15.74 4.17
CA PHE B 62 12.16 -14.37 4.04
C PHE B 62 13.64 -14.33 4.41
N ASN B 63 14.43 -13.53 3.70
CA ASN B 63 15.84 -13.42 4.04
C ASN B 63 16.42 -12.16 3.38
N SER B 64 17.68 -11.88 3.72
CA SER B 64 18.47 -10.83 3.11
C SER B 64 19.82 -11.41 2.71
N LYS B 65 20.49 -10.75 1.77
CA LYS B 65 21.82 -11.16 1.34
C LYS B 65 22.75 -9.96 1.30
N GLU B 66 23.92 -10.11 1.93
CA GLU B 66 24.89 -9.02 2.07
C GLU B 66 26.27 -9.59 1.80
N GLN B 67 27.00 -9.00 0.84
CA GLN B 67 28.32 -9.49 0.46
C GLN B 67 28.28 -10.95 0.01
N GLY B 68 27.23 -11.31 -0.72
CA GLY B 68 27.07 -12.68 -1.17
C GLY B 68 26.74 -13.68 -0.08
N SER B 69 26.51 -13.24 1.15
CA SER B 69 26.13 -14.13 2.24
C SER B 69 24.68 -13.89 2.64
N TRP B 70 23.92 -14.98 2.71
CA TRP B 70 22.54 -14.95 3.18
C TRP B 70 22.50 -14.82 4.70
N GLY B 71 21.50 -14.10 5.18
CA GLY B 71 21.31 -13.90 6.60
C GLY B 71 20.44 -14.98 7.21
N ARG B 72 19.81 -14.63 8.32
CA ARG B 72 18.94 -15.55 9.04
C ARG B 72 17.58 -15.62 8.37
N GLU B 73 17.20 -16.82 7.93
CA GLU B 73 15.88 -16.99 7.35
C GLU B 73 14.79 -16.75 8.38
N GLU B 74 13.70 -16.12 7.95
CA GLU B 74 12.44 -16.04 8.68
C GLU B 74 11.38 -16.70 7.83
N ARG B 75 10.38 -17.29 8.47
CA ARG B 75 9.27 -17.90 7.75
C ARG B 75 7.96 -17.30 8.23
N GLY B 76 7.07 -17.08 7.30
CA GLY B 76 5.72 -16.72 7.65
C GLY B 76 4.93 -17.95 8.06
N PRO B 77 3.69 -17.72 8.52
CA PRO B 77 2.83 -18.85 8.90
C PRO B 77 2.27 -19.55 7.66
N GLY B 78 2.57 -20.83 7.53
CA GLY B 78 2.04 -21.60 6.42
C GLY B 78 2.43 -21.02 5.07
N VAL B 79 1.53 -21.17 4.10
CA VAL B 79 1.84 -20.76 2.74
C VAL B 79 0.58 -20.26 2.05
N PRO B 80 0.38 -18.95 1.96
CA PRO B 80 -0.84 -18.42 1.33
C PRO B 80 -0.73 -18.33 -0.19
N PHE B 81 -0.16 -19.36 -0.80
CA PHE B 81 -0.08 -19.49 -2.26
C PHE B 81 -0.49 -20.91 -2.63
N GLN B 82 -1.10 -21.05 -3.81
CA GLN B 82 -1.57 -22.35 -4.26
C GLN B 82 -1.27 -22.52 -5.74
N ARG B 83 -0.75 -23.69 -6.12
CA ARG B 83 -0.47 -23.96 -7.52
C ARG B 83 -1.74 -23.79 -8.35
N GLY B 84 -1.60 -23.08 -9.46
CA GLY B 84 -2.71 -22.82 -10.35
C GLY B 84 -3.54 -21.61 -10.00
N GLN B 85 -3.20 -20.91 -8.90
CA GLN B 85 -4.05 -19.84 -8.41
C GLN B 85 -3.39 -18.46 -8.60
N PRO B 86 -4.18 -17.43 -8.93
CA PRO B 86 -3.66 -16.07 -8.96
C PRO B 86 -3.43 -15.55 -7.54
N PHE B 87 -2.55 -14.55 -7.43
CA PHE B 87 -2.22 -13.96 -6.14
C PHE B 87 -2.02 -12.46 -6.28
N GLU B 88 -2.15 -11.75 -5.16
CA GLU B 88 -1.72 -10.36 -5.12
C GLU B 88 -0.91 -10.16 -3.85
N VAL B 89 0.31 -9.65 -4.01
CA VAL B 89 1.22 -9.38 -2.91
C VAL B 89 1.43 -7.88 -2.83
N LEU B 90 1.31 -7.32 -1.62
CA LEU B 90 1.78 -5.97 -1.33
C LEU B 90 3.06 -6.08 -0.52
N ILE B 91 4.09 -5.33 -0.94
CA ILE B 91 5.27 -5.10 -0.12
C ILE B 91 5.30 -3.62 0.23
N ILE B 92 5.11 -3.30 1.50
CA ILE B 92 4.97 -1.92 1.95
C ILE B 92 6.19 -1.57 2.80
N ALA B 93 6.92 -0.54 2.41
CA ALA B 93 8.08 -0.09 3.17
C ALA B 93 7.67 0.85 4.31
N SER B 94 8.09 0.52 5.53
CA SER B 94 7.96 1.43 6.65
C SER B 94 9.34 1.82 7.15
N ASP B 95 9.37 2.68 8.18
CA ASP B 95 10.64 3.00 8.85
C ASP B 95 11.31 1.74 9.38
N ASP B 96 10.54 0.85 10.00
CA ASP B 96 11.17 -0.27 10.70
C ASP B 96 11.27 -1.56 9.90
N GLY B 97 10.53 -1.71 8.79
CA GLY B 97 10.72 -2.87 7.93
C GLY B 97 9.72 -2.91 6.79
N PHE B 98 9.58 -4.11 6.21
CA PHE B 98 8.64 -4.35 5.12
C PHE B 98 7.46 -5.16 5.66
N LYS B 99 6.24 -4.70 5.35
CA LYS B 99 5.04 -5.50 5.60
C LYS B 99 4.64 -6.21 4.31
N ALA B 100 4.61 -7.53 4.35
CA ALA B 100 4.12 -8.34 3.24
C ALA B 100 2.65 -8.66 3.48
N VAL B 101 1.81 -8.24 2.54
CA VAL B 101 0.38 -8.52 2.55
C VAL B 101 0.12 -9.49 1.41
N VAL B 102 -0.54 -10.61 1.71
CA VAL B 102 -0.91 -11.61 0.70
C VAL B 102 -2.39 -11.90 0.82
N GLY B 103 -3.10 -11.83 -0.31
CA GLY B 103 -4.54 -12.06 -0.27
C GLY B 103 -5.25 -11.17 0.73
N ASP B 104 -4.90 -9.89 0.73
CA ASP B 104 -5.55 -8.85 1.54
C ASP B 104 -5.38 -9.05 3.04
N ALA B 105 -4.44 -9.88 3.48
CA ALA B 105 -4.19 -10.05 4.90
C ALA B 105 -2.72 -9.79 5.17
N GLN B 106 -2.44 -9.04 6.24
CA GLN B 106 -1.09 -8.89 6.73
C GLN B 106 -0.49 -10.26 7.00
N TYR B 107 0.66 -10.53 6.37
CA TYR B 107 1.22 -11.87 6.40
C TYR B 107 2.52 -11.98 7.18
N HIS B 108 3.45 -11.05 6.99
CA HIS B 108 4.72 -11.08 7.72
C HIS B 108 5.29 -9.66 7.79
N HIS B 109 6.02 -9.39 8.88
CA HIS B 109 6.77 -8.15 9.04
C HIS B 109 8.26 -8.49 9.07
N PHE B 110 8.97 -8.04 8.05
CA PHE B 110 10.40 -8.29 7.92
C PHE B 110 11.14 -7.02 8.30
N ARG B 111 11.77 -7.02 9.47
CA ARG B 111 12.48 -5.81 9.89
C ARG B 111 13.70 -5.58 9.01
N HIS B 112 14.00 -4.30 8.77
CA HIS B 112 15.08 -3.94 7.85
C HIS B 112 16.41 -4.45 8.34
N ARG B 113 17.16 -5.08 7.45
CA ARG B 113 18.55 -5.40 7.73
C ARG B 113 19.52 -4.54 6.93
N LEU B 114 19.22 -4.29 5.67
CA LEU B 114 19.93 -3.33 4.85
C LEU B 114 19.16 -2.03 4.82
N PRO B 115 19.80 -0.92 4.48
CA PRO B 115 19.06 0.35 4.43
C PRO B 115 18.12 0.38 3.24
N LEU B 116 16.88 0.80 3.51
CA LEU B 116 15.90 1.07 2.46
C LEU B 116 16.50 1.92 1.35
N ALA B 117 17.38 2.87 1.72
CA ALA B 117 17.97 3.77 0.74
C ALA B 117 18.82 3.06 -0.31
N ARG B 118 19.21 1.80 -0.07
CA ARG B 118 20.04 1.11 -1.05
C ARG B 118 19.24 0.27 -2.03
N VAL B 119 17.92 0.20 -1.87
CA VAL B 119 17.12 -0.62 -2.79
C VAL B 119 16.97 0.10 -4.12
N ARG B 120 17.27 -0.60 -5.21
CA ARG B 120 17.26 0.02 -6.52
C ARG B 120 16.57 -0.80 -7.58
N LEU B 121 16.17 -2.05 -7.31
CA LEU B 121 15.35 -2.72 -8.30
C LEU B 121 14.55 -3.83 -7.68
N VAL B 122 13.41 -4.12 -8.31
CA VAL B 122 12.53 -5.22 -7.96
C VAL B 122 12.74 -6.32 -8.99
N GLU B 123 12.98 -7.54 -8.53
CA GLU B 123 13.15 -8.67 -9.42
C GLU B 123 12.19 -9.79 -9.03
N VAL B 124 11.50 -10.36 -10.02
CA VAL B 124 10.56 -11.45 -9.81
C VAL B 124 11.03 -12.63 -10.66
N GLY B 125 11.32 -13.76 -10.02
CA GLY B 125 11.85 -14.92 -10.72
C GLY B 125 11.28 -16.21 -10.17
N GLY B 126 11.68 -17.30 -10.80
CA GLY B 126 11.21 -18.60 -10.37
C GLY B 126 9.98 -19.04 -11.15
N ASP B 127 9.25 -20.00 -10.58
CA ASP B 127 8.10 -20.58 -11.27
C ASP B 127 6.89 -19.69 -10.99
N VAL B 128 6.74 -18.63 -11.79
CA VAL B 128 5.63 -17.71 -11.58
C VAL B 128 5.31 -17.03 -12.90
N GLN B 129 4.05 -16.71 -13.10
CA GLN B 129 3.61 -15.94 -14.25
C GLN B 129 3.26 -14.55 -13.73
N LEU B 130 4.07 -13.56 -14.09
CA LEU B 130 3.97 -12.20 -13.55
C LEU B 130 3.01 -11.38 -14.41
N ASP B 131 1.94 -10.91 -13.79
CA ASP B 131 0.97 -10.07 -14.46
C ASP B 131 1.36 -8.60 -14.41
N SER B 132 1.73 -8.10 -13.23
CA SER B 132 2.07 -6.69 -13.13
C SER B 132 2.86 -6.41 -11.85
N VAL B 133 3.84 -5.53 -11.97
CA VAL B 133 4.44 -4.85 -10.83
C VAL B 133 4.03 -3.39 -10.93
N ARG B 134 3.39 -2.86 -9.90
CA ARG B 134 3.10 -1.44 -9.82
C ARG B 134 3.75 -0.87 -8.59
N ILE B 135 4.25 0.37 -8.69
CA ILE B 135 4.92 1.03 -7.59
C ILE B 135 4.12 2.28 -7.26
N PHE B 136 3.62 2.36 -6.04
CA PHE B 136 2.85 3.52 -5.59
C PHE B 136 3.64 4.31 -4.54
#